data_2GK4
#
_entry.id   2GK4
#
_cell.length_a   39.118
_cell.length_b   64.594
_cell.length_c   92.839
_cell.angle_alpha   90.00
_cell.angle_beta   93.14
_cell.angle_gamma   90.00
#
_symmetry.space_group_name_H-M   'P 1 21 1'
#
loop_
_entity.id
_entity.type
_entity.pdbx_description
1 polymer 'conserved hypothetical protein'
2 non-polymer GLYCEROL
3 water water
#
_entity_poly.entity_id   1
_entity_poly.type   'polypeptide(L)'
_entity_poly.pdbx_seq_one_letter_code
;SNA(MSE)KILVTSGGTSEAIDSVRSITNHSTGHLGKIITETLLSAGYEVCLITTKRALKPEPHPNLSIREITNTKDLLI
E(MSE)QERVQDYQVLIHS(MSE)AVSDYTPVY(MSE)TGLEEVQASSNLKEFLSKQNHQAKISSTDEVQVLFLKKTPKI
ISLVKEWNPTIHLIGFKLLVDVTEDHLVDIARKSLIKNQADLIIANDLTQISADQHRAIFVEKNQLQTVQTKEEIAELLL
EKIQAYHS
;
_entity_poly.pdbx_strand_id   A,B
#
loop_
_chem_comp.id
_chem_comp.type
_chem_comp.name
_chem_comp.formula
GOL non-polymer GLYCEROL 'C3 H8 O3'
#
# COMPACT_ATOMS: atom_id res chain seq x y z
N ALA A 3 22.01 28.43 -8.66
CA ALA A 3 22.85 27.53 -9.51
C ALA A 3 22.88 26.07 -9.02
N MSE A 4 22.49 25.83 -7.78
CA MSE A 4 22.52 24.45 -7.31
C MSE A 4 21.13 23.79 -7.34
O MSE A 4 20.13 24.39 -6.94
CB MSE A 4 23.33 24.28 -6.01
CG MSE A 4 22.65 24.23 -4.67
SE MSE A 4 24.09 24.04 -3.30
CE MSE A 4 25.60 23.63 -4.33
N LYS A 5 21.10 22.61 -7.92
CA LYS A 5 19.88 21.87 -8.19
C LYS A 5 19.71 20.87 -7.06
N ILE A 6 18.49 20.75 -6.56
CA ILE A 6 18.23 19.90 -5.39
C ILE A 6 17.39 18.68 -5.75
N LEU A 7 17.88 17.49 -5.37
CA LEU A 7 17.14 16.27 -5.53
C LEU A 7 16.53 15.91 -4.18
N VAL A 8 15.23 15.63 -4.18
CA VAL A 8 14.53 15.34 -2.95
C VAL A 8 13.79 14.04 -3.12
N THR A 9 13.78 13.21 -2.06
CA THR A 9 12.90 12.06 -2.09
C THR A 9 11.87 12.16 -0.97
N SER A 10 10.68 11.66 -1.24
CA SER A 10 9.68 11.57 -0.18
C SER A 10 8.71 10.40 -0.39
N GLY A 11 7.97 10.09 0.66
CA GLY A 11 6.95 9.06 0.53
C GLY A 11 7.48 7.73 1.06
N GLY A 12 7.06 6.64 0.45
CA GLY A 12 7.51 5.31 0.92
C GLY A 12 7.34 4.29 -0.20
N THR A 13 8.27 3.36 -0.27
CA THR A 13 8.28 2.34 -1.31
C THR A 13 7.24 1.25 -1.03
N SER A 14 6.73 0.65 -2.10
N SER A 14 6.83 0.56 -2.08
CA SER A 14 5.77 -0.45 -2.03
CA SER A 14 5.78 -0.44 -2.01
C SER A 14 6.36 -1.63 -2.76
C SER A 14 6.23 -1.67 -2.80
N GLU A 15 6.39 -2.78 -2.12
CA GLU A 15 6.98 -3.99 -2.73
C GLU A 15 5.84 -4.99 -3.02
N ALA A 16 5.63 -5.31 -4.30
CA ALA A 16 4.49 -6.19 -4.67
C ALA A 16 4.62 -7.60 -4.13
N ILE A 17 3.52 -8.09 -3.57
CA ILE A 17 3.44 -9.49 -3.14
C ILE A 17 2.82 -10.31 -4.26
N ASP A 18 1.73 -9.79 -4.80
CA ASP A 18 1.05 -10.46 -5.88
C ASP A 18 0.42 -9.38 -6.69
N SER A 19 -0.62 -9.72 -7.45
N SER A 19 -0.63 -9.71 -7.43
CA SER A 19 -1.19 -8.76 -8.39
CA SER A 19 -1.21 -8.78 -8.41
C SER A 19 -1.88 -7.61 -7.68
C SER A 19 -2.05 -7.68 -7.76
N VAL A 20 -2.48 -7.91 -6.52
CA VAL A 20 -3.24 -6.90 -5.77
C VAL A 20 -2.50 -6.34 -4.54
N ARG A 21 -1.78 -7.21 -3.82
CA ARG A 21 -1.24 -6.83 -2.49
C ARG A 21 0.22 -6.41 -2.59
N SER A 22 0.60 -5.45 -1.75
CA SER A 22 2.01 -5.05 -1.58
C SER A 22 2.32 -4.90 -0.12
N ILE A 23 3.60 -4.98 0.24
CA ILE A 23 3.98 -4.53 1.58
C ILE A 23 4.62 -3.17 1.37
N THR A 24 4.09 -2.19 2.08
CA THR A 24 4.30 -0.79 1.71
C THR A 24 4.80 -0.05 2.95
N ASN A 25 5.83 0.79 2.78
CA ASN A 25 6.22 1.73 3.83
C ASN A 25 5.26 2.88 3.62
N HIS A 26 4.33 3.07 4.56
CA HIS A 26 3.15 3.91 4.37
C HIS A 26 3.28 5.44 4.60
N SER A 27 4.48 5.94 4.83
CA SER A 27 4.71 7.39 4.99
C SER A 27 4.06 8.23 3.87
N THR A 28 3.30 9.25 4.24
CA THR A 28 2.70 10.13 3.21
C THR A 28 3.61 11.31 2.84
N GLY A 29 4.81 11.33 3.39
CA GLY A 29 5.82 12.29 2.94
C GLY A 29 5.45 13.75 3.14
N HIS A 30 4.65 14.06 4.17
CA HIS A 30 4.32 15.46 4.47
C HIS A 30 5.55 16.35 4.65
N LEU A 31 6.55 15.86 5.36
CA LEU A 31 7.74 16.68 5.58
C LEU A 31 8.48 16.94 4.28
N GLY A 32 8.61 15.91 3.44
CA GLY A 32 9.16 16.07 2.10
C GLY A 32 8.47 17.15 1.29
N LYS A 33 7.14 17.18 1.36
CA LYS A 33 6.34 18.18 0.67
C LYS A 33 6.70 19.59 1.15
N ILE A 34 6.80 19.78 2.47
CA ILE A 34 7.07 21.12 3.03
C ILE A 34 8.49 21.57 2.67
N ILE A 35 9.44 20.64 2.73
CA ILE A 35 10.81 20.96 2.35
C ILE A 35 10.86 21.42 0.89
N THR A 36 10.19 20.67 0.04
CA THR A 36 10.17 20.97 -1.39
C THR A 36 9.54 22.34 -1.62
N GLU A 37 8.36 22.59 -1.04
CA GLU A 37 7.72 23.94 -1.14
C GLU A 37 8.65 25.06 -0.69
N THR A 38 9.35 24.82 0.41
CA THR A 38 10.27 25.81 0.96
C THR A 38 11.37 26.12 -0.03
N LEU A 39 11.94 25.07 -0.64
CA LEU A 39 13.03 25.29 -1.61
C LEU A 39 12.53 25.99 -2.87
N LEU A 40 11.38 25.56 -3.36
CA LEU A 40 10.82 26.16 -4.59
C LEU A 40 10.58 27.65 -4.37
N SER A 41 10.00 27.99 -3.23
N SER A 41 9.98 27.95 -3.22
CA SER A 41 9.63 29.39 -2.95
CA SER A 41 9.64 29.33 -2.83
C SER A 41 10.86 30.27 -2.68
C SER A 41 10.88 30.20 -2.86
N ALA A 42 11.99 29.65 -2.40
CA ALA A 42 13.27 30.36 -2.33
C ALA A 42 14.05 30.36 -3.65
N GLY A 43 13.49 29.79 -4.71
CA GLY A 43 14.01 29.92 -6.07
C GLY A 43 14.89 28.76 -6.58
N TYR A 44 14.94 27.65 -5.83
CA TYR A 44 15.69 26.46 -6.26
C TYR A 44 14.93 25.63 -7.28
N GLU A 45 15.70 25.00 -8.15
CA GLU A 45 15.22 23.97 -9.05
C GLU A 45 15.24 22.67 -8.25
N VAL A 46 14.09 21.99 -8.19
CA VAL A 46 13.97 20.76 -7.39
C VAL A 46 13.46 19.62 -8.27
N CYS A 47 14.07 18.45 -8.12
CA CYS A 47 13.52 17.25 -8.71
C CYS A 47 13.06 16.37 -7.56
N LEU A 48 11.76 16.08 -7.52
CA LEU A 48 11.20 15.28 -6.42
C LEU A 48 10.92 13.86 -6.88
N ILE A 49 11.59 12.90 -6.25
N ILE A 49 11.57 12.89 -6.24
CA ILE A 49 11.29 11.50 -6.42
CA ILE A 49 11.27 11.48 -6.48
C ILE A 49 10.31 11.13 -5.33
C ILE A 49 10.37 10.97 -5.35
N THR A 50 9.15 10.64 -5.73
CA THR A 50 8.10 10.38 -4.76
C THR A 50 7.23 9.17 -5.18
N THR A 51 6.14 8.96 -4.48
CA THR A 51 5.40 7.69 -4.57
C THR A 51 3.91 8.01 -4.66
N LYS A 52 3.14 6.99 -5.02
CA LYS A 52 1.72 7.17 -5.30
C LYS A 52 0.92 7.78 -4.14
N ARG A 53 1.13 7.27 -2.94
CA ARG A 53 0.40 7.71 -1.75
C ARG A 53 0.94 8.97 -1.08
N ALA A 54 2.06 9.50 -1.58
CA ALA A 54 2.66 10.68 -0.97
C ALA A 54 1.87 11.95 -1.26
N LEU A 55 1.87 12.85 -0.29
CA LEU A 55 1.34 14.21 -0.45
C LEU A 55 2.22 14.93 -1.44
N LYS A 56 1.62 15.54 -2.45
CA LYS A 56 2.45 16.21 -3.46
C LYS A 56 2.41 17.73 -3.31
N PRO A 57 3.55 18.39 -3.52
CA PRO A 57 3.49 19.83 -3.65
C PRO A 57 2.69 20.22 -4.90
N GLU A 58 2.19 21.44 -4.91
CA GLU A 58 1.53 21.95 -6.11
C GLU A 58 2.54 22.07 -7.23
N PRO A 59 2.06 21.93 -8.48
CA PRO A 59 2.89 22.18 -9.66
C PRO A 59 3.63 23.50 -9.59
N HIS A 60 4.86 23.49 -10.10
CA HIS A 60 5.73 24.65 -10.06
C HIS A 60 6.68 24.58 -11.24
N PRO A 61 6.91 25.72 -11.91
CA PRO A 61 7.81 25.77 -13.06
C PRO A 61 9.19 25.17 -12.79
N ASN A 62 9.64 25.24 -11.53
CA ASN A 62 10.99 24.78 -11.19
C ASN A 62 10.99 23.41 -10.52
N LEU A 63 9.83 22.76 -10.53
CA LEU A 63 9.68 21.43 -9.97
C LEU A 63 9.45 20.39 -11.06
N SER A 64 10.21 19.29 -10.96
CA SER A 64 9.95 18.10 -11.75
C SER A 64 9.64 16.98 -10.78
N ILE A 65 8.62 16.19 -11.09
CA ILE A 65 8.23 15.08 -10.21
C ILE A 65 8.40 13.78 -10.97
N ARG A 66 8.98 12.79 -10.30
CA ARG A 66 9.03 11.44 -10.82
C ARG A 66 8.42 10.51 -9.79
N GLU A 67 7.40 9.76 -10.18
CA GLU A 67 6.78 8.82 -9.28
C GLU A 67 7.43 7.45 -9.48
N ILE A 68 7.75 6.77 -8.38
CA ILE A 68 8.32 5.44 -8.41
C ILE A 68 7.46 4.53 -7.56
N THR A 69 7.72 3.23 -7.64
CA THR A 69 6.91 2.26 -6.91
C THR A 69 7.74 1.58 -5.83
N ASN A 70 8.81 0.88 -6.23
CA ASN A 70 9.55 0.00 -5.29
C ASN A 70 11.01 0.38 -5.13
N THR A 71 11.75 -0.38 -4.33
N THR A 71 11.75 -0.42 -4.36
CA THR A 71 13.17 -0.03 -4.08
CA THR A 71 13.13 -0.07 -4.04
C THR A 71 14.01 -0.14 -5.33
C THR A 71 14.04 -0.20 -5.27
N LYS A 72 13.73 -1.17 -6.16
CA LYS A 72 14.46 -1.27 -7.43
C LYS A 72 14.32 0.05 -8.24
N ASP A 73 13.09 0.57 -8.33
CA ASP A 73 12.82 1.86 -9.01
C ASP A 73 13.67 2.97 -8.40
N LEU A 74 13.75 2.99 -7.06
CA LEU A 74 14.51 4.05 -6.37
C LEU A 74 16.00 3.95 -6.71
N LEU A 75 16.52 2.73 -6.69
N LEU A 75 16.52 2.74 -6.68
CA LEU A 75 17.93 2.48 -7.05
CA LEU A 75 17.93 2.51 -7.04
C LEU A 75 18.26 3.04 -8.43
C LEU A 75 18.22 3.11 -8.42
N ILE A 76 17.38 2.75 -9.40
CA ILE A 76 17.58 3.20 -10.77
C ILE A 76 17.52 4.73 -10.89
N GLU A 77 16.57 5.36 -10.22
CA GLU A 77 16.46 6.84 -10.26
C GLU A 77 17.67 7.53 -9.67
N MSE A 78 18.17 7.00 -8.55
CA MSE A 78 19.31 7.63 -7.87
C MSE A 78 20.56 7.48 -8.73
O MSE A 78 21.35 8.41 -8.90
CB MSE A 78 19.58 6.94 -6.54
CG MSE A 78 18.53 7.18 -5.47
SE MSE A 78 18.31 9.06 -4.93
CE MSE A 78 16.90 9.44 -6.09
N GLN A 79 20.75 6.26 -9.26
CA GLN A 79 21.93 6.01 -10.08
C GLN A 79 21.94 6.90 -11.33
N GLU A 80 20.75 7.11 -11.90
N GLU A 80 20.76 7.10 -11.91
CA GLU A 80 20.59 7.97 -13.07
CA GLU A 80 20.60 7.99 -13.06
C GLU A 80 20.72 9.47 -12.76
C GLU A 80 20.86 9.45 -12.68
N ARG A 81 20.20 9.92 -11.61
CA ARG A 81 20.11 11.37 -11.33
C ARG A 81 21.16 11.99 -10.42
N VAL A 82 21.74 11.21 -9.54
CA VAL A 82 22.55 11.83 -8.48
C VAL A 82 23.70 12.66 -9.04
N GLN A 83 24.28 12.21 -10.15
N GLN A 83 24.27 12.22 -10.16
CA GLN A 83 25.39 12.92 -10.80
CA GLN A 83 25.38 12.91 -10.83
C GLN A 83 25.01 14.33 -11.24
C GLN A 83 25.00 14.28 -11.38
N ASP A 84 23.70 14.57 -11.38
CA ASP A 84 23.19 15.81 -11.97
C ASP A 84 22.75 16.87 -10.96
N TYR A 85 22.73 16.49 -9.68
CA TYR A 85 22.24 17.38 -8.60
C TYR A 85 23.36 17.68 -7.62
N GLN A 86 23.25 18.83 -6.93
CA GLN A 86 24.28 19.27 -6.00
C GLN A 86 23.93 18.97 -4.53
N VAL A 87 22.65 18.68 -4.30
CA VAL A 87 22.18 18.31 -2.97
C VAL A 87 21.17 17.19 -3.11
N LEU A 88 21.23 16.22 -2.20
CA LEU A 88 20.17 15.18 -2.07
C LEU A 88 19.58 15.25 -0.65
N ILE A 89 18.27 15.44 -0.58
CA ILE A 89 17.55 15.39 0.67
C ILE A 89 16.71 14.14 0.63
N HIS A 90 17.20 13.11 1.29
CA HIS A 90 16.58 11.80 1.22
C HIS A 90 15.60 11.59 2.37
N SER A 91 14.32 11.85 2.12
CA SER A 91 13.34 11.65 3.17
C SER A 91 12.36 10.51 2.96
N MSE A 92 12.43 9.86 1.80
CA MSE A 92 11.54 8.72 1.52
C MSE A 92 11.82 7.59 2.53
O MSE A 92 12.96 7.36 2.92
CB MSE A 92 11.78 8.20 0.09
CG MSE A 92 10.83 7.06 -0.30
SE MSE A 92 11.30 6.40 -2.08
CE MSE A 92 10.77 8.00 -3.13
N ALA A 93 10.77 6.89 2.97
CA ALA A 93 10.90 5.68 3.77
C ALA A 93 11.16 4.53 2.80
N VAL A 94 12.35 3.93 2.88
CA VAL A 94 12.76 2.92 1.89
C VAL A 94 12.64 1.55 2.53
N SER A 95 11.93 0.64 1.86
CA SER A 95 11.76 -0.73 2.34
C SER A 95 13.10 -1.37 2.67
N ASP A 96 13.19 -1.99 3.84
CA ASP A 96 14.37 -2.79 4.16
C ASP A 96 14.31 -4.20 3.62
N TYR A 97 13.10 -4.65 3.30
CA TYR A 97 12.86 -6.01 2.81
C TYR A 97 11.91 -6.06 1.64
N THR A 98 12.10 -7.06 0.79
CA THR A 98 11.23 -7.28 -0.34
C THR A 98 10.81 -8.76 -0.44
N PRO A 99 9.53 -9.01 -0.82
CA PRO A 99 8.99 -10.35 -0.92
C PRO A 99 9.81 -11.26 -1.83
N VAL A 100 9.98 -12.53 -1.39
CA VAL A 100 10.61 -13.52 -2.23
C VAL A 100 9.63 -14.66 -2.54
N TYR A 101 9.00 -15.18 -1.50
CA TYR A 101 8.20 -16.40 -1.63
C TYR A 101 7.08 -16.40 -0.62
N MSE A 102 5.87 -16.69 -1.09
CA MSE A 102 4.68 -16.68 -0.27
C MSE A 102 4.04 -18.07 -0.34
O MSE A 102 3.82 -18.60 -1.42
CB MSE A 102 3.69 -15.64 -0.82
CG MSE A 102 2.25 -15.77 -0.33
SE MSE A 102 1.93 -14.61 1.17
CE MSE A 102 2.38 -15.61 2.38
N THR A 103 3.78 -18.67 0.82
CA THR A 103 3.26 -20.04 0.83
C THR A 103 2.34 -20.30 2.04
N GLY A 104 1.80 -21.51 2.12
CA GLY A 104 0.95 -21.93 3.27
C GLY A 104 1.81 -22.38 4.45
N LEU A 105 1.27 -22.27 5.65
CA LEU A 105 2.00 -22.69 6.86
C LEU A 105 2.46 -24.17 6.80
N GLU A 106 1.63 -25.03 6.20
N GLU A 106 1.64 -25.03 6.19
N GLU A 106 1.63 -25.03 6.21
CA GLU A 106 1.92 -26.47 6.12
CA GLU A 106 1.95 -26.48 6.14
CA GLU A 106 1.91 -26.46 6.12
C GLU A 106 3.20 -26.80 5.34
C GLU A 106 3.20 -26.82 5.32
C GLU A 106 3.20 -26.77 5.35
N GLU A 107 3.40 -26.12 4.20
CA GLU A 107 4.67 -26.26 3.45
C GLU A 107 5.88 -25.83 4.29
N VAL A 108 5.74 -24.73 5.04
CA VAL A 108 6.80 -24.26 5.94
C VAL A 108 7.08 -25.28 7.06
N GLN A 109 6.00 -25.79 7.65
CA GLN A 109 6.13 -26.79 8.71
C GLN A 109 6.85 -28.07 8.25
N ALA A 110 6.66 -28.44 6.99
CA ALA A 110 7.24 -29.67 6.46
C ALA A 110 8.70 -29.51 6.07
N SER A 111 9.18 -28.27 6.03
CA SER A 111 10.54 -28.00 5.57
C SER A 111 11.58 -28.37 6.64
N SER A 112 12.73 -28.86 6.20
CA SER A 112 13.83 -29.17 7.10
C SER A 112 14.93 -28.10 7.03
N ASN A 113 14.73 -27.11 6.17
CA ASN A 113 15.67 -26.00 6.11
C ASN A 113 14.99 -24.84 5.39
N LEU A 114 14.60 -23.84 6.17
CA LEU A 114 13.80 -22.72 5.67
C LEU A 114 14.52 -21.85 4.63
N LYS A 115 15.85 -21.91 4.63
CA LYS A 115 16.61 -21.17 3.62
C LYS A 115 16.28 -21.67 2.20
N GLU A 116 15.75 -22.90 2.09
CA GLU A 116 15.33 -23.44 0.78
C GLU A 116 14.36 -22.49 0.07
N PHE A 117 13.54 -21.79 0.86
CA PHE A 117 12.46 -20.97 0.33
C PHE A 117 12.96 -19.71 -0.37
N LEU A 118 14.20 -19.33 -0.09
CA LEU A 118 14.76 -18.12 -0.70
C LEU A 118 15.15 -18.31 -2.17
N SER A 119 15.23 -19.56 -2.59
CA SER A 119 15.65 -19.87 -3.95
C SER A 119 14.48 -20.38 -4.79
N LYS A 120 13.26 -20.24 -4.24
CA LYS A 120 12.02 -20.65 -4.91
C LYS A 120 11.24 -19.45 -5.47
N GLN A 121 10.30 -19.76 -6.36
CA GLN A 121 9.42 -18.74 -6.96
C GLN A 121 7.98 -18.98 -6.57
N ASN A 122 7.18 -17.92 -6.52
CA ASN A 122 5.78 -18.03 -6.08
C ASN A 122 4.97 -19.10 -6.81
N HIS A 123 5.23 -19.30 -8.10
CA HIS A 123 4.49 -20.29 -8.91
C HIS A 123 4.70 -21.74 -8.47
N GLN A 124 5.70 -21.96 -7.60
CA GLN A 124 5.97 -23.28 -7.04
C GLN A 124 5.18 -23.55 -5.74
N ALA A 125 4.58 -22.50 -5.20
CA ALA A 125 4.03 -22.53 -3.84
C ALA A 125 2.78 -23.38 -3.67
N LYS A 126 2.72 -24.06 -2.52
CA LYS A 126 1.53 -24.78 -2.09
C LYS A 126 0.69 -23.87 -1.19
N ILE A 127 -0.23 -23.14 -1.81
CA ILE A 127 -1.09 -22.13 -1.18
C ILE A 127 -2.53 -22.31 -1.59
N SER A 128 -3.45 -22.18 -0.63
N SER A 128 -3.45 -22.21 -0.64
CA SER A 128 -4.89 -22.32 -0.87
CA SER A 128 -4.88 -22.22 -0.96
C SER A 128 -5.69 -21.40 0.05
C SER A 128 -5.68 -21.39 0.03
N SER A 129 -6.92 -21.06 -0.36
CA SER A 129 -7.83 -20.29 0.47
C SER A 129 -8.21 -21.06 1.76
N THR A 130 -7.94 -22.36 1.77
CA THR A 130 -8.17 -23.18 2.95
C THR A 130 -7.08 -23.01 4.02
N ASP A 131 -5.89 -22.53 3.63
CA ASP A 131 -4.82 -22.30 4.60
C ASP A 131 -5.33 -21.36 5.68
N GLU A 132 -5.24 -21.78 6.93
CA GLU A 132 -5.54 -20.86 8.01
C GLU A 132 -4.45 -19.81 8.17
N VAL A 133 -3.24 -20.16 7.74
CA VAL A 133 -2.09 -19.27 7.93
C VAL A 133 -1.27 -19.25 6.66
N GLN A 134 -0.85 -18.06 6.23
N GLN A 134 -0.86 -18.06 6.23
CA GLN A 134 0.10 -17.98 5.13
CA GLN A 134 0.13 -17.99 5.15
C GLN A 134 1.39 -17.29 5.59
C GLN A 134 1.41 -17.32 5.64
N VAL A 135 2.50 -17.61 4.94
CA VAL A 135 3.82 -17.22 5.41
C VAL A 135 4.58 -16.61 4.26
N LEU A 136 5.06 -15.39 4.46
CA LEU A 136 5.83 -14.67 3.42
C LEU A 136 7.29 -14.53 3.86
N PHE A 137 8.22 -14.95 2.99
CA PHE A 137 9.66 -14.80 3.22
C PHE A 137 10.11 -13.57 2.45
N LEU A 138 10.91 -12.73 3.10
CA LEU A 138 11.39 -11.50 2.48
C LEU A 138 12.90 -11.44 2.64
N LYS A 139 13.59 -10.93 1.64
CA LYS A 139 15.06 -10.71 1.75
C LYS A 139 15.38 -9.21 1.86
N LYS A 140 16.59 -8.86 2.31
CA LYS A 140 17.04 -7.48 2.27
C LYS A 140 16.98 -6.84 0.89
N THR A 141 16.56 -5.58 0.86
CA THR A 141 16.63 -4.77 -0.36
C THR A 141 18.08 -4.33 -0.59
N PRO A 142 18.41 -3.89 -1.82
CA PRO A 142 19.79 -3.42 -2.14
C PRO A 142 20.16 -2.17 -1.37
N LYS A 143 21.43 -2.04 -1.00
N LYS A 143 21.45 -2.04 -1.06
CA LYS A 143 21.90 -0.76 -0.46
CA LYS A 143 22.00 -0.79 -0.56
C LYS A 143 21.74 0.26 -1.58
C LYS A 143 21.75 0.29 -1.63
N ILE A 144 21.38 1.48 -1.20
CA ILE A 144 21.17 2.58 -2.15
C ILE A 144 21.87 3.83 -1.65
N ILE A 145 21.43 4.35 -0.51
CA ILE A 145 21.98 5.62 -0.03
C ILE A 145 23.49 5.56 0.18
N SER A 146 24.00 4.42 0.62
CA SER A 146 25.45 4.28 0.79
C SER A 146 26.23 4.35 -0.52
N LEU A 147 25.52 4.27 -1.67
CA LEU A 147 26.14 4.44 -2.99
C LEU A 147 26.15 5.87 -3.50
N VAL A 148 25.38 6.74 -2.85
CA VAL A 148 25.22 8.09 -3.36
C VAL A 148 26.54 8.81 -3.56
N LYS A 149 27.37 8.77 -2.51
N LYS A 149 27.42 8.77 -2.54
CA LYS A 149 28.66 9.47 -2.52
CA LYS A 149 28.71 9.45 -2.65
C LYS A 149 29.72 8.79 -3.38
C LYS A 149 29.69 8.75 -3.60
N GLU A 150 29.36 7.67 -3.99
N GLU A 150 29.42 7.50 -3.94
CA GLU A 150 30.17 7.01 -5.01
CA GLU A 150 30.14 6.84 -5.03
C GLU A 150 29.73 7.44 -6.41
C GLU A 150 29.72 7.46 -6.37
N TRP A 151 28.41 7.49 -6.64
CA TRP A 151 27.86 8.10 -7.86
C TRP A 151 28.20 9.57 -8.02
N ASN A 152 28.19 10.31 -6.92
CA ASN A 152 28.56 11.73 -6.98
C ASN A 152 29.29 12.12 -5.69
N PRO A 153 30.64 12.02 -5.70
CA PRO A 153 31.43 12.34 -4.50
C PRO A 153 31.25 13.72 -3.92
N THR A 154 30.89 14.69 -4.74
CA THR A 154 30.77 16.06 -4.24
C THR A 154 29.34 16.48 -3.87
N ILE A 155 28.38 15.60 -4.05
CA ILE A 155 26.99 15.95 -3.68
C ILE A 155 26.87 16.15 -2.15
N HIS A 156 26.04 17.09 -1.73
CA HIS A 156 25.76 17.25 -0.31
C HIS A 156 24.61 16.32 0.05
N LEU A 157 24.90 15.30 0.89
CA LEU A 157 23.93 14.26 1.20
C LEU A 157 23.27 14.51 2.55
N ILE A 158 21.96 14.66 2.52
CA ILE A 158 21.20 14.87 3.73
C ILE A 158 20.23 13.71 3.87
N GLY A 159 20.33 13.01 4.98
CA GLY A 159 19.39 11.91 5.25
C GLY A 159 18.57 12.15 6.50
N PHE A 160 17.68 11.19 6.78
CA PHE A 160 16.82 11.19 7.96
C PHE A 160 16.96 9.89 8.70
N LYS A 161 16.66 9.90 9.99
CA LYS A 161 16.64 8.70 10.77
C LYS A 161 15.47 8.80 11.72
N LEU A 162 14.58 7.81 11.68
CA LEU A 162 13.34 7.85 12.46
C LEU A 162 13.30 6.61 13.34
N LEU A 163 13.33 6.84 14.65
CA LEU A 163 13.24 5.76 15.61
C LEU A 163 11.96 5.93 16.40
N VAL A 164 11.68 5.00 17.31
CA VAL A 164 10.44 5.03 18.08
C VAL A 164 10.74 4.82 19.57
N ASP A 165 10.44 5.84 20.38
CA ASP A 165 10.51 5.81 21.85
C ASP A 165 11.93 5.56 22.35
N VAL A 166 12.83 6.46 22.00
CA VAL A 166 14.24 6.36 22.37
C VAL A 166 14.70 7.65 23.06
N THR A 167 15.85 7.62 23.73
CA THR A 167 16.40 8.87 24.28
C THR A 167 16.98 9.67 23.13
N GLU A 168 17.10 10.98 23.33
CA GLU A 168 17.76 11.79 22.30
C GLU A 168 19.23 11.45 22.13
N ASP A 169 19.93 11.04 23.19
CA ASP A 169 21.32 10.65 23.05
C ASP A 169 21.44 9.38 22.17
N HIS A 170 20.47 8.48 22.28
CA HIS A 170 20.49 7.25 21.48
C HIS A 170 20.24 7.60 20.02
N LEU A 171 19.31 8.54 19.83
CA LEU A 171 18.94 9.02 18.51
C LEU A 171 20.19 9.60 17.84
N VAL A 172 20.93 10.43 18.57
CA VAL A 172 22.20 10.99 18.08
C VAL A 172 23.24 9.92 17.75
N ASP A 173 23.41 8.95 18.65
CA ASP A 173 24.32 7.81 18.47
C ASP A 173 24.01 7.09 17.15
N ILE A 174 22.76 6.70 16.98
CA ILE A 174 22.33 6.03 15.74
C ILE A 174 22.48 6.90 14.48
N ALA A 175 22.08 8.17 14.57
CA ALA A 175 22.26 9.11 13.46
C ALA A 175 23.72 9.26 13.07
N ARG A 176 24.63 9.35 14.04
CA ARG A 176 26.06 9.46 13.72
C ARG A 176 26.65 8.24 13.04
N LYS A 177 26.20 7.06 13.46
CA LYS A 177 26.59 5.82 12.81
C LYS A 177 26.18 5.86 11.34
N SER A 178 24.97 6.35 11.07
CA SER A 178 24.43 6.52 9.73
C SER A 178 25.20 7.58 8.91
N LEU A 179 25.55 8.69 9.55
CA LEU A 179 26.44 9.67 8.92
C LEU A 179 27.71 9.06 8.34
N ILE A 180 28.35 8.22 9.14
CA ILE A 180 29.61 7.56 8.76
C ILE A 180 29.40 6.52 7.67
N LYS A 181 28.39 5.68 7.85
CA LYS A 181 28.06 4.60 6.92
C LYS A 181 27.70 5.14 5.53
N ASN A 182 27.11 6.34 5.47
CA ASN A 182 26.63 6.90 4.19
C ASN A 182 27.45 8.04 3.66
N GLN A 183 28.52 8.40 4.38
CA GLN A 183 29.25 9.63 4.11
C GLN A 183 28.29 10.79 3.95
N ALA A 184 27.21 10.76 4.74
CA ALA A 184 26.25 11.83 4.70
C ALA A 184 26.85 12.99 5.43
N ASP A 185 26.33 14.15 5.05
N ASP A 185 26.45 14.21 5.06
CA ASP A 185 26.79 15.40 5.54
CA ASP A 185 26.96 15.35 5.82
C ASP A 185 25.99 15.78 6.81
C ASP A 185 25.95 15.91 6.83
N LEU A 186 24.74 15.38 6.81
CA LEU A 186 23.76 15.77 7.81
C LEU A 186 22.74 14.66 7.88
N ILE A 187 22.39 14.25 9.09
CA ILE A 187 21.26 13.35 9.32
C ILE A 187 20.26 14.04 10.25
N ILE A 188 19.01 14.17 9.79
CA ILE A 188 17.95 14.74 10.59
C ILE A 188 17.24 13.59 11.32
N ALA A 189 17.50 13.51 12.61
CA ALA A 189 17.02 12.40 13.43
C ALA A 189 15.73 12.81 14.17
N ASN A 190 14.80 11.89 14.26
CA ASN A 190 13.54 12.17 14.95
C ASN A 190 12.91 10.92 15.53
N ASP A 191 12.03 11.14 16.51
CA ASP A 191 11.40 10.07 17.27
C ASP A 191 9.92 10.20 16.94
N LEU A 192 9.34 9.07 16.49
CA LEU A 192 7.95 9.02 16.15
C LEU A 192 7.05 9.58 17.26
N THR A 193 7.46 9.36 18.50
CA THR A 193 6.63 9.72 19.66
C THR A 193 6.71 11.22 19.96
N GLN A 194 7.56 11.95 19.23
CA GLN A 194 7.69 13.39 19.44
C GLN A 194 7.20 14.19 18.24
N ILE A 195 6.34 13.55 17.45
CA ILE A 195 5.70 14.19 16.30
C ILE A 195 4.19 14.29 16.62
N SER A 196 3.60 15.45 16.32
CA SER A 196 2.18 15.67 16.59
C SER A 196 1.59 16.57 15.51
N ALA A 197 0.39 17.06 15.74
CA ALA A 197 -0.25 17.91 14.74
C ALA A 197 0.44 19.26 14.61
N ASP A 198 1.04 19.76 15.70
N ASP A 198 1.06 19.72 15.70
CA ASP A 198 1.65 21.10 15.69
CA ASP A 198 1.62 21.07 15.79
C ASP A 198 3.08 21.12 16.24
C ASP A 198 3.11 21.10 16.07
N GLN A 199 3.69 19.95 16.36
CA GLN A 199 5.12 19.87 16.71
C GLN A 199 5.80 18.75 15.95
N HIS A 200 7.12 18.87 15.78
CA HIS A 200 7.87 17.80 15.16
C HIS A 200 9.29 18.03 15.64
N ARG A 201 9.62 17.46 16.78
CA ARG A 201 10.99 17.61 17.33
C ARG A 201 11.96 16.88 16.42
N ALA A 202 13.07 17.53 16.08
CA ALA A 202 14.13 16.90 15.29
C ALA A 202 15.49 17.44 15.67
N ILE A 203 16.50 16.61 15.45
CA ILE A 203 17.87 16.97 15.76
C ILE A 203 18.66 16.86 14.48
N PHE A 204 19.28 17.98 14.09
CA PHE A 204 20.16 18.02 12.92
C PHE A 204 21.52 17.54 13.40
N VAL A 205 21.83 16.29 13.06
CA VAL A 205 23.03 15.63 13.48
C VAL A 205 24.13 15.75 12.41
N GLU A 206 25.20 16.40 12.83
CA GLU A 206 26.44 16.40 12.07
C GLU A 206 27.54 15.69 12.84
N LYS A 207 28.70 15.56 12.21
CA LYS A 207 29.80 14.81 12.77
C LYS A 207 30.16 15.29 14.17
N ASN A 208 30.29 16.61 14.32
CA ASN A 208 30.74 17.21 15.57
C ASN A 208 29.82 18.29 16.15
N GLN A 209 28.62 18.45 15.61
N GLN A 209 28.62 18.41 15.59
CA GLN A 209 27.69 19.37 16.23
CA GLN A 209 27.69 19.46 15.98
C GLN A 209 26.26 18.95 16.00
C GLN A 209 26.27 18.90 16.02
N LEU A 210 25.40 19.55 16.80
CA LEU A 210 23.98 19.29 16.81
C LEU A 210 23.21 20.59 16.75
N GLN A 211 22.02 20.54 16.17
N GLN A 211 22.00 20.53 16.20
CA GLN A 211 21.08 21.65 16.31
CA GLN A 211 21.06 21.65 16.23
C GLN A 211 19.73 20.97 16.47
C GLN A 211 19.64 21.13 16.26
N THR A 212 18.82 21.64 17.17
CA THR A 212 17.48 21.10 17.37
C THR A 212 16.41 22.04 16.87
N VAL A 213 15.29 21.47 16.45
CA VAL A 213 14.15 22.24 16.00
C VAL A 213 12.85 21.60 16.52
N GLN A 214 11.76 22.36 16.47
CA GLN A 214 10.53 21.98 17.13
C GLN A 214 9.34 21.68 16.24
N THR A 215 9.41 22.12 14.98
CA THR A 215 8.31 21.99 14.01
C THR A 215 8.81 21.65 12.63
N LYS A 216 7.90 21.15 11.81
CA LYS A 216 8.17 20.86 10.41
C LYS A 216 8.62 22.09 9.68
N GLU A 217 7.99 23.22 9.95
CA GLU A 217 8.36 24.48 9.31
C GLU A 217 9.79 24.84 9.68
N GLU A 218 10.15 24.64 10.96
CA GLU A 218 11.51 24.92 11.42
C GLU A 218 12.51 24.00 10.77
N ILE A 219 12.11 22.72 10.56
CA ILE A 219 12.97 21.77 9.83
C ILE A 219 13.27 22.32 8.43
N ALA A 220 12.21 22.67 7.72
CA ALA A 220 12.37 23.23 6.37
C ALA A 220 13.22 24.50 6.31
N GLU A 221 12.99 25.41 7.25
N GLU A 221 13.00 25.46 7.20
CA GLU A 221 13.66 26.70 7.30
CA GLU A 221 13.77 26.71 7.15
C GLU A 221 15.17 26.53 7.54
C GLU A 221 15.24 26.52 7.50
N LEU A 222 15.52 25.66 8.48
CA LEU A 222 16.90 25.35 8.81
C LEU A 222 17.60 24.64 7.64
N LEU A 223 16.94 23.67 7.01
CA LEU A 223 17.52 23.07 5.83
C LEU A 223 17.77 24.13 4.78
N LEU A 224 16.82 25.06 4.62
CA LEU A 224 17.04 26.15 3.64
C LEU A 224 18.32 26.93 3.96
N GLU A 225 18.48 27.28 5.24
N GLU A 225 18.49 27.28 5.23
CA GLU A 225 19.67 27.99 5.71
CA GLU A 225 19.68 27.98 5.71
C GLU A 225 20.96 27.21 5.44
C GLU A 225 20.96 27.20 5.42
N LYS A 226 20.94 25.90 5.70
CA LYS A 226 22.11 25.07 5.52
C LYS A 226 22.47 24.93 4.05
N ILE A 227 21.43 24.82 3.21
CA ILE A 227 21.67 24.74 1.79
C ILE A 227 22.17 26.07 1.23
N GLN A 228 21.60 27.17 1.69
CA GLN A 228 22.02 28.49 1.22
C GLN A 228 23.50 28.70 1.57
N ALA A 229 23.95 28.05 2.64
CA ALA A 229 25.34 28.14 3.11
C ALA A 229 26.32 27.36 2.27
N TYR A 230 25.82 26.46 1.42
CA TYR A 230 26.68 25.67 0.56
C TYR A 230 27.27 26.54 -0.54
N HIS A 231 26.50 27.50 -1.02
CA HIS A 231 26.91 28.38 -2.10
C HIS A 231 27.03 29.83 -1.64
N ASN B 2 -40.64 5.25 -3.17
CA ASN B 2 -39.40 6.04 -3.45
C ASN B 2 -38.14 5.17 -3.63
N ALA B 3 -37.00 5.81 -3.89
CA ALA B 3 -35.78 5.15 -4.40
C ALA B 3 -35.24 3.98 -3.55
N MSE B 4 -34.94 2.87 -4.23
CA MSE B 4 -34.32 1.74 -3.57
C MSE B 4 -32.83 2.02 -3.33
O MSE B 4 -32.18 2.63 -4.17
CB MSE B 4 -34.44 0.47 -4.39
CG MSE B 4 -33.79 -0.73 -3.70
SE MSE B 4 -33.95 -2.35 -4.72
CE MSE B 4 -35.90 -2.10 -5.14
N LYS B 5 -32.33 1.51 -2.22
CA LYS B 5 -31.02 1.88 -1.70
C LYS B 5 -30.02 0.77 -1.91
N ILE B 6 -28.88 1.12 -2.50
CA ILE B 6 -27.84 0.14 -2.85
C ILE B 6 -26.52 0.57 -2.25
N LEU B 7 -25.82 -0.38 -1.62
CA LEU B 7 -24.52 -0.14 -1.06
C LEU B 7 -23.50 -0.75 -2.02
N VAL B 8 -22.48 0.02 -2.36
CA VAL B 8 -21.43 -0.46 -3.28
C VAL B 8 -20.10 -0.21 -2.58
N THR B 9 -19.20 -1.18 -2.63
CA THR B 9 -17.84 -0.93 -2.11
C THR B 9 -16.88 -0.99 -3.29
N SER B 10 -15.80 -0.22 -3.20
CA SER B 10 -14.78 -0.23 -4.24
C SER B 10 -13.43 0.23 -3.70
N GLY B 11 -12.36 0.04 -4.46
CA GLY B 11 -11.02 0.46 -4.01
C GLY B 11 -10.30 -0.64 -3.26
N GLY B 12 -9.35 -0.27 -2.40
CA GLY B 12 -8.58 -1.28 -1.70
C GLY B 12 -8.13 -0.80 -0.32
N THR B 13 -8.26 -1.69 0.66
CA THR B 13 -7.99 -1.40 2.06
C THR B 13 -6.49 -1.61 2.37
N SER B 14 -6.07 -1.10 3.51
N SER B 14 -6.07 -1.15 3.53
CA SER B 14 -4.71 -1.33 4.02
CA SER B 14 -4.70 -1.33 4.00
C SER B 14 -4.83 -1.89 5.43
C SER B 14 -4.73 -1.70 5.46
N GLU B 15 -3.78 -2.58 5.87
N GLU B 15 -3.86 -2.64 5.85
CA GLU B 15 -3.71 -3.10 7.22
CA GLU B 15 -3.77 -3.06 7.24
C GLU B 15 -2.28 -2.89 7.70
C GLU B 15 -2.31 -2.87 7.68
N ALA B 16 -2.12 -2.14 8.78
CA ALA B 16 -0.79 -1.89 9.33
C ALA B 16 -0.11 -3.14 9.90
N ILE B 17 1.18 -3.27 9.65
CA ILE B 17 1.99 -4.31 10.29
C ILE B 17 2.66 -3.66 11.51
N ASP B 18 3.19 -2.45 11.32
CA ASP B 18 3.86 -1.73 12.42
C ASP B 18 3.86 -0.24 12.12
N SER B 19 4.70 0.52 12.81
CA SER B 19 4.69 1.97 12.60
C SER B 19 5.20 2.41 11.22
N VAL B 20 5.83 1.48 10.50
CA VAL B 20 6.48 1.81 9.24
C VAL B 20 5.76 1.18 8.05
N ARG B 21 5.30 -0.06 8.22
CA ARG B 21 4.85 -0.92 7.07
C ARG B 21 3.38 -1.28 7.17
N SER B 22 2.75 -1.50 6.01
CA SER B 22 1.37 -1.96 5.96
C SER B 22 1.25 -2.97 4.83
N ILE B 23 0.27 -3.87 4.90
CA ILE B 23 -0.11 -4.61 3.69
C ILE B 23 -1.22 -3.77 3.01
N THR B 24 -0.99 -3.39 1.75
CA THR B 24 -1.92 -2.54 1.02
C THR B 24 -2.52 -3.30 -0.16
N ASN B 25 -3.76 -2.98 -0.53
CA ASN B 25 -4.45 -3.60 -1.66
C ASN B 25 -4.72 -2.54 -2.73
N HIS B 26 -4.34 -2.83 -3.97
CA HIS B 26 -4.57 -1.90 -5.07
C HIS B 26 -5.77 -2.34 -5.91
N SER B 27 -6.72 -1.42 -6.04
CA SER B 27 -7.79 -1.50 -7.01
C SER B 27 -8.15 -0.06 -7.34
N THR B 28 -8.24 0.28 -8.62
CA THR B 28 -8.64 1.63 -8.96
C THR B 28 -10.13 1.81 -8.70
N GLY B 29 -10.86 0.71 -8.50
CA GLY B 29 -12.33 0.81 -8.36
C GLY B 29 -13.04 1.31 -9.62
N HIS B 30 -12.38 1.18 -10.76
CA HIS B 30 -13.00 1.53 -12.05
C HIS B 30 -14.34 0.82 -12.29
N LEU B 31 -14.40 -0.49 -12.03
CA LEU B 31 -15.66 -1.21 -12.30
C LEU B 31 -16.75 -0.75 -11.34
N GLY B 32 -16.38 -0.52 -10.07
CA GLY B 32 -17.34 0.01 -9.08
C GLY B 32 -17.92 1.35 -9.49
N LYS B 33 -17.07 2.19 -10.09
CA LYS B 33 -17.50 3.50 -10.59
C LYS B 33 -18.53 3.34 -11.71
N ILE B 34 -18.26 2.47 -12.67
CA ILE B 34 -19.18 2.24 -13.81
C ILE B 34 -20.51 1.69 -13.33
N ILE B 35 -20.44 0.70 -12.44
CA ILE B 35 -21.64 0.09 -11.83
C ILE B 35 -22.46 1.16 -11.10
N THR B 36 -21.80 1.97 -10.30
CA THR B 36 -22.47 3.03 -9.53
C THR B 36 -23.20 4.01 -10.47
N GLU B 37 -22.50 4.42 -11.53
CA GLU B 37 -23.11 5.29 -12.55
C GLU B 37 -24.35 4.66 -13.21
N THR B 38 -24.25 3.37 -13.52
CA THR B 38 -25.39 2.67 -14.13
C THR B 38 -26.60 2.65 -13.19
N LEU B 39 -26.33 2.46 -11.92
CA LEU B 39 -27.41 2.39 -10.93
C LEU B 39 -28.02 3.75 -10.70
N LEU B 40 -27.19 4.78 -10.64
CA LEU B 40 -27.70 6.14 -10.48
C LEU B 40 -28.60 6.56 -11.63
N SER B 41 -28.21 6.21 -12.84
CA SER B 41 -29.00 6.49 -14.03
C SER B 41 -30.30 5.69 -14.04
N ALA B 42 -30.29 4.51 -13.41
CA ALA B 42 -31.51 3.70 -13.28
C ALA B 42 -32.45 4.18 -12.14
N GLY B 43 -32.04 5.21 -11.41
CA GLY B 43 -32.89 5.81 -10.38
C GLY B 43 -32.67 5.33 -8.94
N TYR B 44 -31.67 4.47 -8.76
CA TYR B 44 -31.34 3.99 -7.41
C TYR B 44 -30.59 5.02 -6.61
N GLU B 45 -30.76 4.94 -5.29
CA GLU B 45 -29.97 5.68 -4.34
C GLU B 45 -28.74 4.81 -4.02
N VAL B 46 -27.55 5.38 -4.14
CA VAL B 46 -26.30 4.59 -3.92
C VAL B 46 -25.44 5.21 -2.85
N CYS B 47 -25.01 4.38 -1.91
CA CYS B 47 -23.97 4.76 -0.97
C CYS B 47 -22.72 3.98 -1.37
N LEU B 48 -21.68 4.72 -1.77
CA LEU B 48 -20.42 4.13 -2.23
C LEU B 48 -19.39 4.21 -1.11
N ILE B 49 -18.99 3.04 -0.63
CA ILE B 49 -17.94 2.93 0.38
C ILE B 49 -16.64 2.67 -0.38
N THR B 50 -15.69 3.60 -0.31
CA THR B 50 -14.53 3.54 -1.15
C THR B 50 -13.26 4.01 -0.43
N THR B 51 -12.18 4.11 -1.17
CA THR B 51 -10.91 4.48 -0.57
C THR B 51 -10.34 5.74 -1.22
N LYS B 52 -9.39 6.35 -0.51
CA LYS B 52 -8.80 7.62 -0.84
C LYS B 52 -8.64 7.88 -2.35
N ARG B 53 -7.80 7.09 -3.01
CA ARG B 53 -7.44 7.34 -4.41
C ARG B 53 -8.29 6.57 -5.44
N ALA B 54 -9.32 5.85 -4.99
CA ALA B 54 -10.17 5.10 -5.93
C ALA B 54 -10.91 6.07 -6.85
N LEU B 55 -11.24 5.61 -8.06
CA LEU B 55 -12.03 6.42 -9.00
C LEU B 55 -13.43 6.60 -8.46
N LYS B 56 -13.94 7.82 -8.56
CA LYS B 56 -15.29 8.14 -8.05
C LYS B 56 -16.20 8.70 -9.14
N PRO B 57 -17.52 8.37 -9.08
CA PRO B 57 -18.44 9.02 -10.00
C PRO B 57 -18.52 10.52 -9.68
N GLU B 58 -19.01 11.29 -10.63
CA GLU B 58 -19.33 12.70 -10.40
C GLU B 58 -20.47 12.78 -9.38
N PRO B 59 -20.51 13.87 -8.58
CA PRO B 59 -21.57 14.07 -7.61
C PRO B 59 -22.94 13.93 -8.26
N HIS B 60 -23.88 13.38 -7.50
CA HIS B 60 -25.21 13.09 -8.01
C HIS B 60 -26.12 13.19 -6.78
N PRO B 61 -27.32 13.76 -6.92
CA PRO B 61 -28.18 13.93 -5.76
C PRO B 61 -28.52 12.64 -5.04
N ASN B 62 -28.44 11.50 -5.73
CA ASN B 62 -28.72 10.21 -5.09
C ASN B 62 -27.45 9.44 -4.75
N LEU B 63 -26.30 10.09 -4.86
CA LEU B 63 -25.02 9.48 -4.53
C LEU B 63 -24.42 10.06 -3.23
N SER B 64 -23.97 9.18 -2.33
CA SER B 64 -23.15 9.61 -1.20
C SER B 64 -21.93 8.71 -1.16
N ILE B 65 -20.81 9.28 -0.72
CA ILE B 65 -19.54 8.60 -0.77
C ILE B 65 -18.95 8.64 0.63
N ARG B 66 -18.50 7.47 1.08
N ARG B 66 -18.53 7.48 1.12
CA ARG B 66 -17.85 7.30 2.37
CA ARG B 66 -17.83 7.38 2.40
C ARG B 66 -16.45 6.74 2.12
C ARG B 66 -16.47 6.73 2.19
N GLU B 67 -15.42 7.48 2.48
CA GLU B 67 -14.05 6.95 2.37
C GLU B 67 -13.63 6.23 3.63
N ILE B 68 -13.12 5.02 3.49
CA ILE B 68 -12.57 4.29 4.63
C ILE B 68 -11.11 3.90 4.38
N THR B 69 -10.44 3.38 5.41
CA THR B 69 -9.04 2.99 5.30
C THR B 69 -8.80 1.49 5.40
N ASN B 70 -9.47 0.82 6.33
CA ASN B 70 -9.12 -0.55 6.65
C ASN B 70 -10.32 -1.46 6.87
N THR B 71 -10.01 -2.71 7.15
CA THR B 71 -11.02 -3.73 7.42
C THR B 71 -11.88 -3.38 8.62
N LYS B 72 -11.27 -2.81 9.66
CA LYS B 72 -12.05 -2.36 10.81
C LYS B 72 -13.09 -1.35 10.34
N ASP B 73 -12.66 -0.33 9.61
CA ASP B 73 -13.57 0.67 9.06
C ASP B 73 -14.69 0.05 8.26
N LEU B 74 -14.32 -0.93 7.42
CA LEU B 74 -15.28 -1.60 6.57
C LEU B 74 -16.26 -2.40 7.40
N LEU B 75 -15.74 -3.13 8.38
CA LEU B 75 -16.63 -3.90 9.24
C LEU B 75 -17.64 -2.96 9.92
N ILE B 76 -17.16 -1.83 10.42
CA ILE B 76 -18.02 -0.84 11.10
C ILE B 76 -19.14 -0.34 10.18
N GLU B 77 -18.79 0.02 8.94
CA GLU B 77 -19.77 0.49 7.94
C GLU B 77 -20.86 -0.51 7.68
N MSE B 78 -20.47 -1.76 7.53
CA MSE B 78 -21.40 -2.83 7.19
C MSE B 78 -22.41 -3.07 8.32
O MSE B 78 -23.60 -3.29 8.06
CB MSE B 78 -20.62 -4.09 6.84
CG MSE B 78 -21.14 -4.78 5.61
SE MSE B 78 -20.87 -3.92 3.88
CE MSE B 78 -20.58 -2.06 4.28
N GLN B 79 -21.95 -2.99 9.57
CA GLN B 79 -22.85 -3.12 10.72
C GLN B 79 -23.79 -1.92 10.84
N GLU B 80 -23.28 -0.74 10.54
CA GLU B 80 -24.03 0.50 10.62
C GLU B 80 -25.12 0.55 9.53
N ARG B 81 -24.73 0.25 8.30
CA ARG B 81 -25.56 0.54 7.14
C ARG B 81 -26.35 -0.64 6.59
N VAL B 82 -25.83 -1.85 6.74
CA VAL B 82 -26.37 -3.01 6.02
C VAL B 82 -27.88 -3.21 6.19
N GLN B 83 -28.37 -3.02 7.41
CA GLN B 83 -29.81 -3.18 7.65
C GLN B 83 -30.69 -2.20 6.89
N ASP B 84 -30.09 -1.12 6.38
CA ASP B 84 -30.86 -0.06 5.72
C ASP B 84 -30.91 -0.14 4.19
N TYR B 85 -30.21 -1.11 3.61
CA TYR B 85 -29.99 -1.17 2.16
C TYR B 85 -30.57 -2.47 1.64
N GLN B 86 -31.05 -2.45 0.39
CA GLN B 86 -31.65 -3.65 -0.19
C GLN B 86 -30.70 -4.47 -1.07
N VAL B 87 -29.54 -3.89 -1.37
CA VAL B 87 -28.51 -4.52 -2.20
C VAL B 87 -27.14 -4.10 -1.71
N LEU B 88 -26.20 -5.05 -1.70
CA LEU B 88 -24.80 -4.75 -1.47
C LEU B 88 -23.99 -5.36 -2.60
N ILE B 89 -23.14 -4.53 -3.22
CA ILE B 89 -22.27 -4.99 -4.29
C ILE B 89 -20.86 -4.74 -3.77
N HIS B 90 -20.18 -5.81 -3.42
CA HIS B 90 -18.89 -5.69 -2.72
C HIS B 90 -17.76 -5.90 -3.73
N SER B 91 -17.18 -4.82 -4.21
CA SER B 91 -16.08 -4.91 -5.18
C SER B 91 -14.73 -4.43 -4.64
N MSE B 92 -14.72 -3.92 -3.41
CA MSE B 92 -13.48 -3.50 -2.79
C MSE B 92 -12.51 -4.67 -2.64
O MSE B 92 -12.94 -5.80 -2.31
CB MSE B 92 -13.75 -2.91 -1.40
CG MSE B 92 -12.55 -2.26 -0.75
SE MSE B 92 -13.11 -1.63 1.01
CE MSE B 92 -13.78 0.18 0.50
N ALA B 93 -11.23 -4.42 -2.93
CA ALA B 93 -10.15 -5.37 -2.65
C ALA B 93 -9.80 -5.30 -1.17
N VAL B 94 -9.93 -6.44 -0.50
CA VAL B 94 -9.65 -6.57 0.91
C VAL B 94 -8.77 -7.83 1.05
N SER B 95 -7.70 -7.78 1.82
CA SER B 95 -6.89 -8.99 1.96
C SER B 95 -7.62 -10.03 2.79
N ASP B 96 -7.65 -11.25 2.27
CA ASP B 96 -8.23 -12.40 2.97
C ASP B 96 -7.38 -12.87 4.15
N TYR B 97 -6.14 -12.38 4.19
CA TYR B 97 -5.22 -12.68 5.30
C TYR B 97 -4.72 -11.42 5.94
N THR B 98 -4.65 -11.43 7.25
CA THR B 98 -4.22 -10.26 8.01
C THR B 98 -2.85 -10.49 8.65
N PRO B 99 -1.93 -9.51 8.52
CA PRO B 99 -0.59 -9.68 9.13
C PRO B 99 -0.67 -9.83 10.65
N VAL B 100 0.05 -10.82 11.20
CA VAL B 100 0.03 -11.09 12.63
C VAL B 100 1.40 -10.84 13.30
N TYR B 101 2.47 -11.33 12.69
CA TYR B 101 3.79 -11.25 13.32
C TYR B 101 4.87 -11.25 12.26
N MSE B 102 5.87 -10.39 12.41
CA MSE B 102 7.01 -10.37 11.48
C MSE B 102 8.27 -10.55 12.29
O MSE B 102 8.48 -9.84 13.26
CB MSE B 102 7.09 -9.06 10.65
CG MSE B 102 7.94 -9.20 9.34
SE MSE B 102 7.66 -7.71 8.06
CE MSE B 102 5.84 -7.60 8.04
N THR B 103 9.11 -11.51 11.89
CA THR B 103 10.32 -11.78 12.64
C THR B 103 11.46 -12.32 11.76
N GLY B 104 12.67 -12.41 12.31
CA GLY B 104 13.81 -12.95 11.56
C GLY B 104 13.67 -14.45 11.34
N LEU B 105 14.22 -14.94 10.23
CA LEU B 105 14.20 -16.35 9.86
C LEU B 105 14.80 -17.26 10.95
N GLU B 106 15.88 -16.78 11.59
CA GLU B 106 16.57 -17.63 12.57
C GLU B 106 15.69 -17.98 13.76
N GLU B 107 14.88 -17.02 14.21
CA GLU B 107 13.92 -17.28 15.27
C GLU B 107 12.90 -18.32 14.82
N VAL B 108 12.45 -18.21 13.57
CA VAL B 108 11.46 -19.13 13.01
C VAL B 108 12.07 -20.51 12.88
N GLN B 109 13.28 -20.56 12.35
CA GLN B 109 13.98 -21.82 12.17
C GLN B 109 14.10 -22.52 13.52
N ALA B 110 14.43 -21.76 14.55
CA ALA B 110 14.70 -22.31 15.89
C ALA B 110 13.47 -22.91 16.57
N SER B 111 12.29 -22.44 16.18
CA SER B 111 11.04 -22.84 16.79
C SER B 111 10.72 -24.32 16.61
N SER B 112 10.31 -24.94 17.70
CA SER B 112 9.83 -26.32 17.68
C SER B 112 8.33 -26.36 17.36
N ASN B 113 7.71 -25.18 17.26
CA ASN B 113 6.26 -25.08 17.03
C ASN B 113 5.83 -23.72 16.46
N LEU B 114 5.52 -23.69 15.17
CA LEU B 114 5.23 -22.45 14.42
C LEU B 114 3.92 -21.77 14.83
N LYS B 115 2.98 -22.54 15.35
CA LYS B 115 1.72 -21.97 15.80
C LYS B 115 1.91 -20.95 16.94
N GLU B 116 3.10 -20.93 17.52
CA GLU B 116 3.44 -19.95 18.57
C GLU B 116 3.41 -18.51 18.06
N PHE B 117 3.87 -18.29 16.82
CA PHE B 117 4.01 -16.94 16.28
C PHE B 117 2.67 -16.27 15.97
N LEU B 118 1.59 -17.02 16.18
CA LEU B 118 0.26 -16.55 15.83
C LEU B 118 -0.46 -15.82 16.97
N SER B 119 0.22 -15.67 18.11
CA SER B 119 -0.34 -14.93 19.25
C SER B 119 0.55 -13.77 19.69
N ASP B 131 17.87 -11.77 10.40
CA ASP B 131 17.89 -10.37 9.89
C ASP B 131 18.27 -10.19 8.41
N GLU B 132 19.00 -11.15 7.83
N GLU B 132 18.97 -11.14 7.81
CA GLU B 132 19.14 -11.26 6.37
CA GLU B 132 19.12 -11.14 6.36
C GLU B 132 17.74 -11.43 5.78
C GLU B 132 17.77 -11.50 5.72
N VAL B 133 16.96 -12.28 6.45
CA VAL B 133 15.64 -12.69 5.96
C VAL B 133 14.62 -12.43 7.04
N GLN B 134 13.47 -11.90 6.63
CA GLN B 134 12.32 -11.74 7.50
C GLN B 134 11.20 -12.68 7.06
N VAL B 135 10.35 -13.02 8.02
CA VAL B 135 9.23 -13.92 7.80
C VAL B 135 7.97 -13.25 8.35
N LEU B 136 6.94 -13.14 7.53
CA LEU B 136 5.69 -12.49 7.94
C LEU B 136 4.61 -13.56 8.00
N PHE B 137 3.98 -13.68 9.16
CA PHE B 137 2.84 -14.61 9.31
C PHE B 137 1.53 -13.84 9.17
N LEU B 138 0.64 -14.34 8.33
CA LEU B 138 -0.66 -13.74 8.17
C LEU B 138 -1.71 -14.79 8.46
N LYS B 139 -2.78 -14.40 9.14
CA LYS B 139 -3.88 -15.37 9.34
C LYS B 139 -5.15 -15.00 8.59
N LYS B 140 -5.94 -16.02 8.27
CA LYS B 140 -7.24 -15.83 7.65
C LYS B 140 -8.03 -14.78 8.45
N THR B 141 -8.58 -13.79 7.75
CA THR B 141 -9.28 -12.65 8.37
C THR B 141 -10.70 -12.94 8.89
N PRO B 142 -11.52 -13.74 8.15
CA PRO B 142 -12.94 -13.94 8.44
C PRO B 142 -13.50 -13.46 9.78
N ILE B 144 -16.76 -9.27 7.87
CA ILE B 144 -16.81 -9.64 6.46
C ILE B 144 -18.22 -9.77 5.93
N ILE B 145 -18.25 -9.96 4.62
CA ILE B 145 -19.40 -10.22 3.82
C ILE B 145 -20.17 -11.48 4.26
N SER B 146 -19.49 -12.48 4.83
CA SER B 146 -20.20 -13.69 5.26
C SER B 146 -21.14 -13.45 6.45
N LEU B 147 -21.01 -12.27 7.07
CA LEU B 147 -21.88 -11.87 8.17
C LEU B 147 -23.05 -10.98 7.74
N VAL B 148 -22.98 -10.45 6.53
CA VAL B 148 -24.04 -9.59 5.98
C VAL B 148 -25.45 -10.21 5.97
N LYS B 149 -25.58 -11.48 5.54
CA LYS B 149 -26.88 -12.15 5.49
C LYS B 149 -27.45 -12.47 6.88
N GLU B 150 -26.58 -12.49 7.87
CA GLU B 150 -26.95 -12.57 9.29
C GLU B 150 -27.65 -11.28 9.69
N TRP B 151 -26.99 -10.16 9.39
CA TRP B 151 -27.50 -8.85 9.79
C TRP B 151 -28.74 -8.41 8.99
N ASN B 152 -28.82 -8.83 7.72
CA ASN B 152 -29.96 -8.50 6.89
C ASN B 152 -30.23 -9.65 5.89
N PRO B 153 -30.95 -10.69 6.34
CA PRO B 153 -31.07 -11.89 5.52
C PRO B 153 -31.81 -11.67 4.21
N THR B 154 -32.47 -10.53 4.04
CA THR B 154 -33.12 -10.26 2.75
C THR B 154 -32.34 -9.35 1.81
N ILE B 155 -31.20 -8.84 2.26
CA ILE B 155 -30.34 -8.05 1.35
C ILE B 155 -29.91 -8.92 0.14
N HIS B 156 -29.88 -8.32 -1.04
CA HIS B 156 -29.41 -8.95 -2.26
C HIS B 156 -27.90 -8.75 -2.24
N LEU B 157 -27.17 -9.85 -2.15
CA LEU B 157 -25.73 -9.78 -1.91
C LEU B 157 -24.95 -10.22 -3.16
N ILE B 158 -24.18 -9.28 -3.70
CA ILE B 158 -23.35 -9.53 -4.87
C ILE B 158 -21.87 -9.32 -4.50
N GLY B 159 -21.04 -10.32 -4.81
CA GLY B 159 -19.62 -10.23 -4.53
C GLY B 159 -18.81 -10.55 -5.79
N PHE B 160 -17.50 -10.39 -5.69
CA PHE B 160 -16.61 -10.65 -6.83
C PHE B 160 -15.57 -11.64 -6.40
N LYS B 161 -15.00 -12.33 -7.37
CA LYS B 161 -13.88 -13.22 -7.10
C LYS B 161 -12.86 -13.00 -8.20
N LEU B 162 -11.66 -12.54 -7.83
CA LEU B 162 -10.60 -12.31 -8.82
C LEU B 162 -9.48 -13.35 -8.62
N LEU B 163 -9.26 -14.20 -9.62
CA LEU B 163 -8.14 -15.12 -9.57
C LEU B 163 -7.16 -14.79 -10.70
N VAL B 164 -6.05 -15.50 -10.75
CA VAL B 164 -5.00 -15.19 -11.73
C VAL B 164 -4.50 -16.46 -12.43
N ASP B 165 -4.68 -16.51 -13.75
CA ASP B 165 -4.17 -17.61 -14.60
C ASP B 165 -4.63 -18.96 -14.09
N VAL B 166 -5.95 -19.12 -14.03
CA VAL B 166 -6.60 -20.38 -13.59
C VAL B 166 -7.49 -20.87 -14.70
N THR B 167 -7.90 -22.13 -14.64
CA THR B 167 -8.84 -22.67 -15.63
C THR B 167 -10.21 -22.06 -15.35
N GLU B 168 -11.08 -21.92 -16.37
CA GLU B 168 -12.40 -21.39 -16.08
C GLU B 168 -13.22 -22.33 -15.20
N ASP B 169 -12.98 -23.63 -15.27
CA ASP B 169 -13.68 -24.55 -14.34
C ASP B 169 -13.29 -24.28 -12.89
N HIS B 170 -12.01 -24.04 -12.65
CA HIS B 170 -11.53 -23.74 -11.32
C HIS B 170 -12.11 -22.41 -10.86
N LEU B 171 -12.11 -21.44 -11.76
CA LEU B 171 -12.68 -20.13 -11.43
C LEU B 171 -14.13 -20.24 -10.94
N VAL B 172 -14.95 -20.94 -11.71
CA VAL B 172 -16.36 -21.16 -11.36
C VAL B 172 -16.50 -21.91 -10.04
N ASP B 173 -15.67 -22.94 -9.87
N ASP B 173 -15.67 -22.95 -9.87
CA ASP B 173 -15.68 -23.75 -8.67
CA ASP B 173 -15.66 -23.77 -8.67
C ASP B 173 -15.39 -22.90 -7.43
C ASP B 173 -15.36 -22.93 -7.42
N ILE B 174 -14.35 -22.06 -7.51
CA ILE B 174 -13.98 -21.17 -6.39
C ILE B 174 -15.07 -20.14 -6.10
N ALA B 175 -15.59 -19.55 -7.18
CA ALA B 175 -16.69 -18.62 -7.07
C ALA B 175 -17.92 -19.26 -6.40
N ARG B 176 -18.25 -20.49 -6.79
CA ARG B 176 -19.39 -21.19 -6.22
C ARG B 176 -19.24 -21.47 -4.73
N LYS B 177 -18.02 -21.85 -4.33
CA LYS B 177 -17.72 -22.03 -2.91
C LYS B 177 -17.93 -20.74 -2.16
N SER B 178 -17.43 -19.63 -2.72
CA SER B 178 -17.61 -18.32 -2.10
C SER B 178 -19.08 -17.96 -2.00
N LEU B 179 -19.84 -18.29 -3.03
CA LEU B 179 -21.29 -18.06 -3.06
C LEU B 179 -21.96 -18.79 -1.91
N ILE B 180 -21.60 -20.05 -1.71
CA ILE B 180 -22.20 -20.82 -0.65
C ILE B 180 -21.78 -20.28 0.72
N LYS B 181 -20.49 -19.97 0.86
CA LYS B 181 -19.89 -19.54 2.13
C LYS B 181 -20.43 -18.18 2.59
N ASN B 182 -20.53 -17.24 1.68
CA ASN B 182 -21.04 -15.92 2.02
C ASN B 182 -22.55 -15.81 1.97
N GLN B 183 -23.22 -16.92 1.63
CA GLN B 183 -24.66 -16.91 1.31
C GLN B 183 -24.97 -15.82 0.28
N ALA B 184 -24.00 -15.54 -0.61
CA ALA B 184 -24.21 -14.54 -1.66
C ALA B 184 -25.26 -15.01 -2.66
N ASP B 185 -25.88 -14.05 -3.31
CA ASP B 185 -26.82 -14.39 -4.37
C ASP B 185 -26.13 -14.51 -5.73
N LEU B 186 -25.00 -13.83 -5.86
CA LEU B 186 -24.34 -13.77 -7.15
C LEU B 186 -22.87 -13.52 -6.88
N ILE B 187 -22.00 -14.27 -7.53
CA ILE B 187 -20.57 -13.91 -7.51
C ILE B 187 -20.11 -13.64 -8.94
N ILE B 188 -19.52 -12.46 -9.18
CA ILE B 188 -19.03 -12.13 -10.50
C ILE B 188 -17.55 -12.52 -10.53
N ALA B 189 -17.23 -13.58 -11.26
CA ALA B 189 -15.90 -14.20 -11.20
C ALA B 189 -15.09 -13.69 -12.39
N ASN B 190 -13.82 -13.39 -12.16
CA ASN B 190 -12.99 -12.97 -13.25
C ASN B 190 -11.53 -13.32 -13.04
N ASP B 191 -10.78 -13.42 -14.15
CA ASP B 191 -9.36 -13.80 -14.11
C ASP B 191 -8.61 -12.58 -14.61
N LEU B 192 -7.61 -12.18 -13.84
CA LEU B 192 -6.76 -11.04 -14.19
C LEU B 192 -6.27 -11.06 -15.64
N THR B 193 -5.95 -12.25 -16.14
CA THR B 193 -5.34 -12.37 -17.46
C THR B 193 -6.34 -12.21 -18.59
N GLN B 194 -7.63 -12.10 -18.23
CA GLN B 194 -8.69 -11.88 -19.22
C GLN B 194 -9.29 -10.48 -19.11
N ILE B 195 -8.56 -9.57 -18.50
CA ILE B 195 -9.00 -8.17 -18.39
C ILE B 195 -7.93 -7.36 -19.09
N SER B 196 -8.35 -6.54 -20.05
CA SER B 196 -7.42 -5.70 -20.80
C SER B 196 -8.08 -4.32 -20.99
N ALA B 197 -7.47 -3.48 -21.82
CA ALA B 197 -7.95 -2.11 -22.01
C ALA B 197 -9.40 -2.04 -22.46
N ASP B 198 -9.79 -2.98 -23.31
CA ASP B 198 -11.09 -2.88 -23.98
C ASP B 198 -11.92 -4.15 -23.81
N GLN B 199 -11.42 -5.08 -23.00
CA GLN B 199 -12.12 -6.33 -22.69
C GLN B 199 -12.07 -6.63 -21.21
N HIS B 200 -13.12 -7.29 -20.70
CA HIS B 200 -13.13 -7.71 -19.33
C HIS B 200 -14.06 -8.92 -19.30
N ARG B 201 -13.49 -10.11 -19.48
CA ARG B 201 -14.28 -11.35 -19.42
C ARG B 201 -14.67 -11.62 -17.96
N ALA B 202 -15.95 -11.89 -17.71
CA ALA B 202 -16.41 -12.27 -16.36
C ALA B 202 -17.50 -13.33 -16.47
N ILE B 203 -17.62 -14.15 -15.42
CA ILE B 203 -18.70 -15.13 -15.34
C ILE B 203 -19.56 -14.77 -14.15
N PHE B 204 -20.83 -14.54 -14.43
CA PHE B 204 -21.83 -14.31 -13.39
C PHE B 204 -22.23 -15.70 -12.89
N VAL B 205 -21.81 -15.99 -11.68
CA VAL B 205 -21.98 -17.30 -11.08
C VAL B 205 -23.12 -17.28 -10.09
N GLU B 206 -24.12 -18.10 -10.35
CA GLU B 206 -25.26 -18.25 -9.42
C GLU B 206 -25.36 -19.71 -9.03
N LYS B 207 -26.27 -20.06 -8.13
CA LYS B 207 -26.32 -21.42 -7.62
C LYS B 207 -26.64 -22.41 -8.74
N ASN B 208 -27.49 -21.97 -9.66
CA ASN B 208 -27.99 -22.86 -10.71
C ASN B 208 -27.86 -22.36 -12.13
N GLN B 209 -27.07 -21.32 -12.33
CA GLN B 209 -26.78 -20.88 -13.70
C GLN B 209 -25.52 -20.04 -13.77
N LEU B 210 -24.96 -20.00 -14.97
CA LEU B 210 -23.81 -19.16 -15.31
C LEU B 210 -24.21 -18.26 -16.48
N GLN B 211 -23.51 -17.13 -16.61
CA GLN B 211 -23.62 -16.30 -17.81
C GLN B 211 -22.29 -15.61 -17.97
N THR B 212 -21.80 -15.47 -19.19
CA THR B 212 -20.52 -14.79 -19.38
C THR B 212 -20.75 -13.45 -20.10
N VAL B 213 -19.88 -12.48 -19.79
CA VAL B 213 -19.92 -11.18 -20.46
C VAL B 213 -18.47 -10.86 -20.84
N GLN B 214 -18.28 -9.86 -21.69
CA GLN B 214 -16.94 -9.64 -22.27
C GLN B 214 -16.34 -8.25 -22.05
N THR B 215 -17.12 -7.34 -21.47
CA THR B 215 -16.63 -5.98 -21.22
C THR B 215 -17.22 -5.42 -19.93
N LYS B 216 -16.58 -4.38 -19.39
CA LYS B 216 -17.09 -3.71 -18.17
C LYS B 216 -18.48 -3.15 -18.34
N GLU B 217 -18.79 -2.63 -19.52
CA GLU B 217 -20.13 -2.11 -19.76
C GLU B 217 -21.15 -3.23 -19.69
N GLU B 218 -20.78 -4.40 -20.19
CA GLU B 218 -21.66 -5.56 -20.15
C GLU B 218 -21.87 -6.09 -18.74
N ILE B 219 -20.83 -6.06 -17.91
CA ILE B 219 -20.94 -6.43 -16.49
C ILE B 219 -21.95 -5.49 -15.84
N ALA B 220 -21.77 -4.18 -16.02
CA ALA B 220 -22.68 -3.22 -15.40
C ALA B 220 -24.12 -3.42 -15.89
N GLU B 221 -24.33 -3.61 -17.20
N GLU B 221 -24.28 -3.63 -17.20
CA GLU B 221 -25.71 -3.75 -17.67
CA GLU B 221 -25.59 -3.78 -17.83
C GLU B 221 -26.35 -5.04 -17.20
C GLU B 221 -26.32 -5.03 -17.36
N LEU B 222 -25.59 -6.14 -17.22
CA LEU B 222 -26.15 -7.42 -16.73
C LEU B 222 -26.47 -7.34 -15.24
N LEU B 223 -25.55 -6.76 -14.47
CA LEU B 223 -25.83 -6.55 -13.06
C LEU B 223 -27.12 -5.73 -12.84
N LEU B 224 -27.28 -4.64 -13.60
CA LEU B 224 -28.55 -3.91 -13.52
C LEU B 224 -29.78 -4.82 -13.79
N GLU B 225 -29.71 -5.63 -14.84
N GLU B 225 -29.70 -5.64 -14.83
CA GLU B 225 -30.78 -6.55 -15.21
CA GLU B 225 -30.79 -6.54 -15.20
C GLU B 225 -31.11 -7.47 -14.03
C GLU B 225 -31.11 -7.53 -14.08
N LYS B 226 -30.06 -8.05 -13.44
CA LYS B 226 -30.18 -8.98 -12.31
C LYS B 226 -30.82 -8.30 -11.10
N ILE B 227 -30.36 -7.10 -10.80
CA ILE B 227 -30.93 -6.32 -9.70
C ILE B 227 -32.41 -6.00 -9.96
N GLN B 228 -32.71 -5.44 -11.13
CA GLN B 228 -34.12 -5.22 -11.52
C GLN B 228 -34.98 -6.49 -11.41
N ALA B 229 -34.46 -7.63 -11.84
CA ALA B 229 -35.27 -8.87 -11.81
C ALA B 229 -35.49 -9.32 -10.37
N TYR B 230 -34.43 -9.18 -9.57
CA TYR B 230 -34.48 -9.59 -8.18
C TYR B 230 -35.50 -8.78 -7.37
N HIS B 231 -35.63 -7.49 -7.72
N HIS B 231 -35.63 -7.49 -7.69
CA HIS B 231 -36.52 -6.59 -7.01
CA HIS B 231 -36.55 -6.61 -6.94
C HIS B 231 -37.75 -6.24 -7.87
C HIS B 231 -37.91 -6.45 -7.63
N SER B 232 -38.11 -7.21 -8.70
CA SER B 232 -39.35 -7.23 -9.52
C SER B 232 -39.33 -6.32 -10.73
C1 GOL C . 11.62 11.54 7.06
O1 GOL C . 10.53 11.55 6.18
C2 GOL C . 11.12 11.14 8.45
O2 GOL C . 12.24 10.71 9.22
C3 GOL C . 10.29 12.27 9.08
O3 GOL C . 9.51 11.80 10.16
C1 GOL D . -4.23 -22.50 -16.36
O1 GOL D . -2.90 -22.23 -15.97
C2 GOL D . -4.49 -21.86 -17.71
O2 GOL D . -3.85 -20.61 -17.78
C3 GOL D . -5.98 -21.74 -18.03
O3 GOL D . -6.27 -20.45 -18.56
C1 GOL E . -12.45 -7.64 -9.13
O1 GOL E . -12.97 -8.92 -8.94
C2 GOL E . -13.15 -6.96 -10.28
O2 GOL E . -12.30 -7.05 -11.42
C3 GOL E . -13.42 -5.53 -9.85
O3 GOL E . -13.56 -5.43 -8.44
#